data_1SJW
#
_entry.id   1SJW
#
_cell.length_a   69.10
_cell.length_b   72.00
_cell.length_c   65.40
_cell.angle_alpha   90.00
_cell.angle_beta   90.00
_cell.angle_gamma   90.00
#
_symmetry.space_group_name_H-M   'I 2 2 2'
#
loop_
_entity.id
_entity.type
_entity.pdbx_description
1 polymer 'nogalonic acid methyl ester cyclase'
2 non-polymer 'METHYL 5,7-DIHYDROXY-2-METHYL-4,6,11-TRIOXO-3,4,6,11-TETRAHYDROTETRACENE-1-CARBOXYLATE'
3 water water
#
_entity_poly.entity_id   1
_entity_poly.type   'polypeptide(L)'
_entity_poly.pdbx_seq_one_letter_code
;MSRQTEIVRRMVSAFNTGRTDDVDEYIHPDYLNPATLEHGIHTGPKAFAQLVGWVRATFSEEARLEEVRIEERGPWVKAY
LVLYGRHVGRLVGMPPTDRRFSGEQVHLMRIVDGKIRDHRDWPDFQGTLRQLGDPWPDDEGWRP
;
_entity_poly.pdbx_strand_id   A
#
loop_
_chem_comp.id
_chem_comp.type
_chem_comp.name
_chem_comp.formula
NGV non-polymer 'METHYL 5,7-DIHYDROXY-2-METHYL-4,6,11-TRIOXO-3,4,6,11-TETRAHYDROTETRACENE-1-CARBOXYLATE' 'C21 H14 O7'
#
# COMPACT_ATOMS: atom_id res chain seq x y z
N SER A 2 14.77 4.51 16.01
CA SER A 2 14.50 5.55 15.04
C SER A 2 14.94 5.16 13.61
N ARG A 3 16.00 4.39 13.42
CA ARG A 3 16.35 3.87 12.12
C ARG A 3 15.16 3.20 11.48
N GLN A 4 14.49 2.30 12.23
CA GLN A 4 13.44 1.54 11.60
C GLN A 4 12.23 2.40 11.24
N THR A 5 11.92 3.36 12.09
CA THR A 5 10.87 4.31 11.81
C THR A 5 11.20 5.05 10.53
N GLU A 6 12.44 5.47 10.35
CA GLU A 6 12.77 6.17 9.13
C GLU A 6 12.68 5.31 7.87
N ILE A 7 13.00 4.02 7.94
CA ILE A 7 12.84 3.14 6.79
C ILE A 7 11.37 3.08 6.38
N VAL A 8 10.50 2.92 7.39
CA VAL A 8 9.06 2.89 7.07
C VAL A 8 8.58 4.23 6.55
N ARG A 9 9.10 5.35 7.05
CA ARG A 9 8.71 6.61 6.44
C ARG A 9 9.14 6.74 4.98
N ARG A 10 10.23 6.11 4.58
CA ARG A 10 10.67 6.10 3.20
C ARG A 10 9.73 5.30 2.33
N MET A 11 9.22 4.19 2.85
CA MET A 11 8.18 3.42 2.17
C MET A 11 6.93 4.23 2.01
N VAL A 12 6.46 4.89 3.04
CA VAL A 12 5.27 5.75 2.97
C VAL A 12 5.51 6.80 1.89
N SER A 13 6.71 7.39 1.89
CA SER A 13 7.00 8.46 0.92
C SER A 13 6.89 7.94 -0.49
N ALA A 14 7.32 6.69 -0.73
CA ALA A 14 7.22 6.17 -2.12
C ALA A 14 5.79 6.15 -2.58
N PHE A 15 4.84 5.79 -1.69
CA PHE A 15 3.45 5.82 -2.14
C PHE A 15 2.98 7.23 -2.44
N ASN A 16 3.52 8.22 -1.72
CA ASN A 16 3.14 9.60 -1.93
C ASN A 16 3.79 10.26 -3.14
N THR A 17 4.97 9.80 -3.55
CA THR A 17 5.62 10.41 -4.71
C THR A 17 5.68 9.53 -5.95
N GLY A 18 5.48 8.24 -5.81
CA GLY A 18 5.59 7.31 -6.91
C GLY A 18 6.97 6.93 -7.31
N ARG A 19 8.00 7.29 -6.61
CA ARG A 19 9.41 7.21 -6.70
C ARG A 19 9.75 5.75 -6.32
N THR A 20 10.28 5.06 -7.34
CA THR A 20 10.66 3.66 -7.12
C THR A 20 12.09 3.36 -7.58
N ASP A 21 12.85 4.40 -7.97
CA ASP A 21 14.20 4.12 -8.50
C ASP A 21 15.16 3.57 -7.45
N ASP A 22 14.90 3.79 -6.17
CA ASP A 22 15.83 3.44 -5.10
C ASP A 22 15.29 2.37 -4.20
N VAL A 23 14.26 1.68 -4.63
CA VAL A 23 13.64 0.69 -3.72
C VAL A 23 14.62 -0.37 -3.29
N ASP A 24 15.66 -0.69 -4.07
CA ASP A 24 16.58 -1.75 -3.65
C ASP A 24 17.39 -1.35 -2.41
N GLU A 25 17.38 -0.08 -2.06
CA GLU A 25 18.14 0.37 -0.88
C GLU A 25 17.38 0.10 0.39
N TYR A 26 16.03 -0.08 0.36
CA TYR A 26 15.27 -0.24 1.60
C TYR A 26 14.24 -1.36 1.57
N ILE A 27 14.12 -2.08 0.47
CA ILE A 27 13.24 -3.23 0.32
C ILE A 27 14.11 -4.48 0.22
N HIS A 28 13.88 -5.47 1.05
CA HIS A 28 14.70 -6.68 1.11
C HIS A 28 14.56 -7.53 -0.14
N PRO A 29 15.58 -8.21 -0.58
CA PRO A 29 15.44 -9.09 -1.74
C PRO A 29 14.28 -10.06 -1.73
N ASP A 30 13.80 -10.49 -0.63
CA ASP A 30 12.88 -11.49 -0.16
C ASP A 30 11.56 -10.81 0.27
N TYR A 31 11.44 -9.51 0.04
CA TYR A 31 10.18 -8.81 0.34
C TYR A 31 8.97 -9.56 -0.18
N LEU A 32 7.96 -9.67 0.68
CA LEU A 32 6.68 -10.20 0.25
C LEU A 32 5.58 -9.56 1.07
N ASN A 33 4.58 -9.10 0.35
CA ASN A 33 3.31 -8.68 0.91
C ASN A 33 2.25 -9.68 0.42
N PRO A 34 1.66 -10.43 1.30
CA PRO A 34 0.80 -11.53 0.81
C PRO A 34 -0.43 -11.08 0.05
N ALA A 35 -0.80 -9.82 0.17
CA ALA A 35 -1.99 -9.31 -0.53
C ALA A 35 -1.75 -9.13 -2.03
N THR A 36 -0.52 -9.01 -2.49
CA THR A 36 -0.17 -8.62 -3.83
C THR A 36 -0.20 -9.73 -4.86
N LEU A 37 -0.20 -10.94 -4.31
CA LEU A 37 -0.11 -12.11 -5.18
C LEU A 37 -1.24 -12.18 -6.18
N GLU A 38 -2.45 -11.69 -5.80
CA GLU A 38 -3.48 -11.97 -6.84
C GLU A 38 -3.36 -11.02 -8.03
N HIS A 39 -2.41 -10.07 -7.97
CA HIS A 39 -2.26 -9.13 -9.07
C HIS A 39 -1.18 -9.56 -10.06
N GLY A 40 -0.44 -10.56 -9.58
CA GLY A 40 0.73 -11.11 -10.20
C GLY A 40 2.09 -10.73 -9.63
N ILE A 41 2.04 -9.81 -8.65
CA ILE A 41 3.13 -9.09 -8.00
C ILE A 41 3.78 -10.02 -6.96
N HIS A 42 5.03 -10.42 -7.22
CA HIS A 42 5.64 -11.49 -6.42
C HIS A 42 6.65 -11.04 -5.40
N THR A 43 7.98 -11.12 -5.49
CA THR A 43 8.81 -10.79 -4.34
C THR A 43 9.88 -9.74 -4.66
N GLY A 44 10.47 -9.15 -3.65
CA GLY A 44 11.59 -8.24 -3.68
C GLY A 44 11.24 -6.80 -4.05
N PRO A 45 12.29 -6.00 -4.26
CA PRO A 45 12.14 -4.59 -4.60
C PRO A 45 11.23 -4.36 -5.80
N LYS A 46 11.32 -5.21 -6.82
CA LYS A 46 10.41 -5.05 -7.96
C LYS A 46 8.96 -5.23 -7.59
N ALA A 47 8.69 -6.17 -6.69
CA ALA A 47 7.30 -6.36 -6.26
C ALA A 47 6.81 -5.11 -5.55
N PHE A 48 7.64 -4.53 -4.68
CA PHE A 48 7.24 -3.33 -3.99
C PHE A 48 7.03 -2.19 -4.97
N ALA A 49 7.93 -2.04 -5.95
CA ALA A 49 7.73 -1.00 -6.97
C ALA A 49 6.40 -1.14 -7.71
N GLN A 50 6.08 -2.40 -8.03
CA GLN A 50 4.83 -2.68 -8.71
C GLN A 50 3.63 -2.34 -7.84
N LEU A 51 3.76 -2.61 -6.54
CA LEU A 51 2.69 -2.23 -5.62
C LEU A 51 2.45 -0.72 -5.54
N VAL A 52 3.54 0.04 -5.45
CA VAL A 52 3.40 1.52 -5.52
C VAL A 52 2.66 1.97 -6.76
N GLY A 53 3.08 1.41 -7.89
CA GLY A 53 2.41 1.69 -9.16
C GLY A 53 0.92 1.39 -9.12
N TRP A 54 0.60 0.21 -8.57
CA TRP A 54 -0.80 -0.21 -8.48
C TRP A 54 -1.60 0.73 -7.60
N VAL A 55 -1.04 1.12 -6.46
CA VAL A 55 -1.78 2.02 -5.58
C VAL A 55 -2.08 3.30 -6.31
N ARG A 56 -1.12 3.87 -7.00
CA ARG A 56 -1.34 5.15 -7.67
C ARG A 56 -2.26 5.06 -8.89
N ALA A 57 -2.21 3.92 -9.58
CA ALA A 57 -3.09 3.65 -10.69
C ALA A 57 -4.53 3.46 -10.23
N THR A 58 -4.72 2.94 -9.03
CA THR A 58 -6.05 2.61 -8.55
C THR A 58 -6.69 3.77 -7.80
N PHE A 59 -5.90 4.46 -7.00
CA PHE A 59 -6.41 5.48 -6.08
C PHE A 59 -5.89 6.87 -6.46
N SER A 60 -5.24 7.00 -7.61
CA SER A 60 -4.88 8.19 -8.33
C SER A 60 -3.52 8.77 -7.91
N GLU A 61 -2.97 9.59 -8.81
CA GLU A 61 -1.70 10.24 -8.61
C GLU A 61 -1.79 11.31 -7.56
N GLU A 62 -2.95 11.67 -7.09
CA GLU A 62 -3.16 12.50 -5.93
C GLU A 62 -3.36 11.73 -4.63
N ALA A 63 -3.23 10.41 -4.63
CA ALA A 63 -3.31 9.69 -3.37
C ALA A 63 -2.26 10.19 -2.38
N ARG A 64 -2.67 10.22 -1.14
CA ARG A 64 -1.85 10.71 -0.05
C ARG A 64 -1.96 9.75 1.11
N LEU A 65 -0.81 9.31 1.61
CA LEU A 65 -0.77 8.51 2.81
C LEU A 65 -0.19 9.37 3.94
N GLU A 66 -0.99 9.72 4.89
CA GLU A 66 -0.55 10.58 5.99
C GLU A 66 -0.23 9.71 7.18
N GLU A 67 0.75 10.13 7.93
CA GLU A 67 1.23 9.42 9.11
C GLU A 67 0.49 9.88 10.36
N VAL A 68 -0.13 8.99 11.08
CA VAL A 68 -0.64 9.30 12.41
C VAL A 68 0.45 9.03 13.45
N ARG A 69 0.97 7.79 13.41
CA ARG A 69 2.03 7.41 14.31
C ARG A 69 2.69 6.11 13.84
N ILE A 70 3.94 5.98 14.22
CA ILE A 70 4.71 4.78 13.92
C ILE A 70 5.30 4.26 15.22
N GLU A 71 5.07 2.98 15.46
CA GLU A 71 5.54 2.26 16.64
C GLU A 71 6.53 1.16 16.24
N GLU A 72 7.44 0.78 17.16
CA GLU A 72 8.28 -0.37 16.86
C GLU A 72 8.44 -1.25 18.09
N ARG A 73 8.76 -2.49 17.86
CA ARG A 73 9.04 -3.47 18.89
C ARG A 73 9.99 -4.48 18.24
N GLY A 74 11.23 -4.50 18.71
CA GLY A 74 12.16 -5.43 18.08
C GLY A 74 12.33 -5.07 16.63
N PRO A 75 12.26 -6.05 15.77
CA PRO A 75 12.38 -5.79 14.36
C PRO A 75 11.10 -5.44 13.64
N TRP A 76 10.05 -5.33 14.43
CA TRP A 76 8.75 -5.02 13.88
C TRP A 76 8.42 -3.53 13.98
N VAL A 77 7.80 -3.01 12.93
CA VAL A 77 7.31 -1.64 12.91
C VAL A 77 5.83 -1.64 12.51
N LYS A 78 5.04 -0.84 13.21
CA LYS A 78 3.63 -0.71 12.96
C LYS A 78 3.36 0.74 12.57
N ALA A 79 2.79 0.94 11.41
CA ALA A 79 2.47 2.27 10.95
C ALA A 79 0.97 2.49 10.91
N TYR A 80 0.52 3.50 11.63
CA TYR A 80 -0.86 3.96 11.64
C TYR A 80 -0.91 5.13 10.67
N LEU A 81 -1.60 4.95 9.56
CA LEU A 81 -1.65 5.90 8.45
C LEU A 81 -3.09 6.24 8.13
N VAL A 82 -3.29 7.20 7.26
CA VAL A 82 -4.61 7.45 6.66
C VAL A 82 -4.39 7.63 5.17
N LEU A 83 -5.11 6.89 4.35
CA LEU A 83 -5.08 7.06 2.90
C LEU A 83 -6.16 7.99 2.45
N TYR A 84 -5.81 8.93 1.62
CA TYR A 84 -6.71 9.82 0.93
C TYR A 84 -6.55 9.52 -0.55
N GLY A 85 -7.64 9.17 -1.21
CA GLY A 85 -7.53 8.86 -2.62
C GLY A 85 -8.80 9.12 -3.39
N ARG A 86 -8.76 8.68 -4.64
CA ARG A 86 -9.91 8.78 -5.55
C ARG A 86 -9.92 7.50 -6.36
N HIS A 87 -11.11 6.88 -6.43
CA HIS A 87 -11.20 5.58 -7.11
C HIS A 87 -11.21 5.75 -8.64
N VAL A 88 -10.01 5.71 -9.23
CA VAL A 88 -9.83 5.97 -10.66
C VAL A 88 -9.36 4.74 -11.42
N GLY A 89 -9.06 3.62 -10.78
CA GLY A 89 -8.74 2.37 -11.42
C GLY A 89 -9.62 1.22 -10.97
N ARG A 90 -9.74 0.22 -11.83
CA ARG A 90 -10.51 -1.00 -11.50
C ARG A 90 -9.99 -1.61 -10.21
N LEU A 91 -10.90 -2.02 -9.34
CA LEU A 91 -10.55 -2.51 -8.00
C LEU A 91 -11.37 -3.75 -7.76
N VAL A 92 -10.72 -4.91 -7.55
CA VAL A 92 -11.40 -6.18 -7.33
C VAL A 92 -12.61 -6.34 -8.23
N GLY A 93 -12.42 -6.05 -9.54
CA GLY A 93 -13.47 -6.28 -10.52
C GLY A 93 -14.50 -5.18 -10.63
N MET A 94 -14.33 -4.13 -9.86
CA MET A 94 -15.24 -2.99 -9.80
C MET A 94 -14.75 -1.83 -10.64
N PRO A 95 -15.50 -1.42 -11.65
CA PRO A 95 -15.02 -0.27 -12.41
C PRO A 95 -14.86 0.97 -11.55
N PRO A 96 -13.99 1.91 -11.98
CA PRO A 96 -13.79 3.13 -11.17
C PRO A 96 -15.01 3.99 -10.96
N THR A 97 -15.36 4.30 -9.73
CA THR A 97 -16.49 5.14 -9.38
C THR A 97 -16.15 6.64 -9.49
N ASP A 98 -14.91 6.99 -9.53
CA ASP A 98 -14.37 8.36 -9.54
C ASP A 98 -14.65 9.13 -8.26
N ARG A 99 -15.01 8.45 -7.20
CA ARG A 99 -15.35 8.94 -5.88
C ARG A 99 -14.07 9.08 -5.05
N ARG A 100 -14.05 10.22 -4.35
CA ARG A 100 -13.04 10.46 -3.34
C ARG A 100 -13.35 9.63 -2.08
N PHE A 101 -12.28 9.27 -1.37
CA PHE A 101 -12.43 8.54 -0.10
C PHE A 101 -11.24 8.79 0.77
N SER A 102 -11.43 8.45 2.03
CA SER A 102 -10.32 8.44 2.97
C SER A 102 -10.49 7.31 3.94
N GLY A 103 -9.45 6.62 4.35
CA GLY A 103 -9.59 5.59 5.36
C GLY A 103 -8.29 5.32 6.09
N GLU A 104 -8.40 5.10 7.39
CA GLU A 104 -7.27 4.70 8.17
C GLU A 104 -6.72 3.38 7.63
N GLN A 105 -5.42 3.18 7.81
CA GLN A 105 -4.78 1.91 7.47
C GLN A 105 -3.67 1.62 8.48
N VAL A 106 -3.47 0.32 8.71
CA VAL A 106 -2.39 -0.13 9.58
C VAL A 106 -1.49 -1.02 8.77
N HIS A 107 -0.19 -0.74 8.82
CA HIS A 107 0.80 -1.58 8.20
C HIS A 107 1.71 -2.18 9.27
N LEU A 108 2.07 -3.42 9.05
CA LEU A 108 3.00 -4.13 9.92
C LEU A 108 4.14 -4.66 9.10
N MET A 109 5.38 -4.29 9.47
CA MET A 109 6.54 -4.63 8.68
C MET A 109 7.65 -5.21 9.58
N ARG A 110 8.33 -6.22 9.05
CA ARG A 110 9.54 -6.73 9.68
C ARG A 110 10.76 -6.23 8.93
N ILE A 111 11.69 -5.63 9.64
CA ILE A 111 12.95 -5.14 9.08
C ILE A 111 14.02 -6.22 9.27
N VAL A 112 14.70 -6.56 8.19
CA VAL A 112 15.71 -7.61 8.22
C VAL A 112 16.93 -6.99 7.58
N ASP A 113 18.01 -6.90 8.35
CA ASP A 113 19.23 -6.29 7.88
C ASP A 113 19.03 -4.98 7.17
N GLY A 114 18.25 -4.12 7.78
CA GLY A 114 18.13 -2.77 7.30
C GLY A 114 17.08 -2.56 6.23
N LYS A 115 16.36 -3.59 5.84
CA LYS A 115 15.41 -3.46 4.73
C LYS A 115 14.07 -4.13 5.06
N ILE A 116 12.99 -3.66 4.44
CA ILE A 116 11.66 -4.23 4.71
C ILE A 116 11.50 -5.59 4.00
N ARG A 117 11.27 -6.63 4.82
CA ARG A 117 11.15 -7.96 4.28
C ARG A 117 9.73 -8.51 4.36
N ASP A 118 9.05 -8.38 5.46
CA ASP A 118 7.71 -8.90 5.62
C ASP A 118 6.79 -7.69 5.72
N HIS A 119 5.70 -7.67 4.95
CA HIS A 119 4.86 -6.48 4.95
C HIS A 119 3.41 -6.94 4.85
N ARG A 120 2.61 -6.58 5.83
CA ARG A 120 1.17 -6.77 5.75
C ARG A 120 0.51 -5.40 5.92
N ASP A 121 -0.57 -5.22 5.20
CA ASP A 121 -1.35 -4.03 5.37
C ASP A 121 -2.81 -4.37 5.57
N TRP A 122 -3.43 -3.48 6.37
CA TRP A 122 -4.83 -3.63 6.65
C TRP A 122 -5.54 -2.33 6.34
N PRO A 123 -6.05 -2.19 5.13
CA PRO A 123 -6.87 -1.03 4.76
C PRO A 123 -8.20 -1.03 5.51
N ASP A 124 -8.84 0.11 5.57
CA ASP A 124 -10.24 0.14 6.01
C ASP A 124 -11.11 -0.15 4.80
N PHE A 125 -11.14 -1.41 4.41
CA PHE A 125 -11.86 -1.77 3.22
C PHE A 125 -13.33 -1.44 3.31
N GLN A 126 -13.96 -1.74 4.46
CA GLN A 126 -15.39 -1.51 4.57
C GLN A 126 -15.74 -0.03 4.47
N GLY A 127 -14.94 0.82 5.13
CA GLY A 127 -15.23 2.23 5.04
C GLY A 127 -14.97 2.74 3.65
N THR A 128 -13.95 2.27 2.95
CA THR A 128 -13.68 2.68 1.59
C THR A 128 -14.89 2.31 0.74
N LEU A 129 -15.34 1.07 0.83
CA LEU A 129 -16.49 0.66 0.02
C LEU A 129 -17.73 1.49 0.29
N ARG A 130 -18.01 1.78 1.58
CA ARG A 130 -19.13 2.69 1.84
C ARG A 130 -18.96 4.01 1.11
N GLN A 131 -17.76 4.60 1.23
CA GLN A 131 -17.56 5.93 0.62
C GLN A 131 -17.62 5.91 -0.89
N LEU A 132 -17.35 4.76 -1.49
CA LEU A 132 -17.44 4.58 -2.93
C LEU A 132 -18.86 4.26 -3.34
N GLY A 133 -19.80 4.29 -2.44
CA GLY A 133 -21.20 4.02 -2.75
C GLY A 133 -21.56 2.55 -2.91
N ASP A 134 -20.80 1.73 -2.20
CA ASP A 134 -21.03 0.29 -2.21
C ASP A 134 -21.08 -0.31 -3.61
N PRO A 135 -19.96 -0.19 -4.31
CA PRO A 135 -19.88 -0.64 -5.70
C PRO A 135 -19.96 -2.16 -5.82
N TRP A 136 -20.24 -2.63 -7.00
CA TRP A 136 -20.26 -4.01 -7.36
C TRP A 136 -19.28 -4.34 -8.49
N PRO A 137 -18.80 -5.57 -8.51
CA PRO A 137 -17.99 -6.00 -9.65
C PRO A 137 -18.94 -6.11 -10.84
N ASP A 138 -18.36 -5.97 -12.02
CA ASP A 138 -19.10 -6.21 -13.26
C ASP A 138 -19.03 -7.70 -13.64
N ASP A 139 -19.59 -8.10 -14.77
CA ASP A 139 -19.62 -9.44 -15.26
C ASP A 139 -18.21 -10.03 -15.40
N GLU A 140 -17.23 -9.22 -15.73
CA GLU A 140 -15.84 -9.68 -15.86
C GLU A 140 -15.30 -10.12 -14.51
N GLY A 141 -15.71 -9.41 -13.46
CA GLY A 141 -15.20 -9.76 -12.13
C GLY A 141 -13.70 -9.59 -12.03
N TRP A 142 -13.16 -10.31 -11.05
CA TRP A 142 -11.79 -10.06 -10.65
C TRP A 142 -10.89 -11.21 -11.02
N ARG A 143 -11.48 -12.31 -11.47
CA ARG A 143 -10.65 -13.47 -11.79
C ARG A 143 -10.89 -13.97 -13.22
O17 NGV B . -3.87 0.96 0.59
C14 NGV B . -2.93 0.34 0.13
O16 NGV B . -1.70 1.06 -0.08
C15 NGV B . -1.50 2.40 0.36
C10 NGV B . -2.99 -1.08 -0.35
C9 NGV B . -1.81 -1.81 -0.53
C13 NGV B . -0.44 -1.27 -0.20
C8 NGV B . -1.86 -3.10 -1.04
C19 NGV B . -4.22 -1.67 -0.71
C20 NGV B . -4.24 -2.99 -1.19
C7 NGV B . -3.06 -3.70 -1.38
O22 NGV B . -3.05 -4.89 -1.82
C11 NGV B . -5.46 -1.01 -0.55
C18 NGV B . -6.68 -1.63 -0.87
C17 NGV B . -6.73 -2.93 -1.38
C5 NGV B . -7.97 -3.49 -1.71
O20 NGV B . -7.98 -4.68 -2.17
C6 NGV B . -5.53 -3.60 -1.55
O21 NGV B . -5.48 -4.86 -2.03
C12 NGV B . -7.87 -0.93 -0.66
O18 NGV B . -7.80 0.30 -0.17
C21 NGV B . -9.10 -1.50 -0.98
C1 NGV B . -10.28 -0.81 -0.77
C2 NGV B . -11.49 -1.39 -1.08
C3 NGV B . -11.57 -2.67 -1.61
C16 NGV B . -9.16 -2.81 -1.49
C4 NGV B . -10.40 -3.38 -1.79
O19 NGV B . -10.47 -4.61 -2.28
#